data_6B7L
#
_entry.id   6B7L
#
_cell.length_a   160.465
_cell.length_b   160.465
_cell.length_c   66.180
_cell.angle_alpha   90.00
_cell.angle_beta   90.00
_cell.angle_gamma   120.00
#
_symmetry.space_group_name_H-M   'P 6 2 2'
#
loop_
_entity.id
_entity.type
_entity.pdbx_description
1 polymer 'immune modulator A'
2 non-polymer 'CHLORIDE ION'
3 non-polymer 'FORMIC ACID'
4 water water
#
_entity_poly.entity_id   1
_entity_poly.type   'polypeptide(L)'
_entity_poly.pdbx_seq_one_letter_code
;MEKAANSIAKRVPLALPEAGLYQANLMSRDGDKATPRMIKDLDGLALVYPKGETVQHWGVWVDHQVGKVETNSQWLGQAD
QKADKDGIYPVQLIRNSERLGTSTALSSVTNDHNLITFQDQPVIDLQGKEIKRWVFDFTRTGTKFSDNSPIYSGFSGHVA
VTALTTKAVTTASWSATDSDGFSSEMVGKVDTTNNGGKLTVAIEFPAAGCTLVGEGSATAGLSKLTMTGFGKCNFKQSAA
ATPIENLWNAALARAMDNRVAYVTTFTADAKKEALVIGFPDTNGLLITADKRLEHHHHHH
;
_entity_poly.pdbx_strand_id   A
#
# COMPACT_ATOMS: atom_id res chain seq x y z
N MET A 1 -26.08 6.89 -13.24
CA MET A 1 -26.80 5.73 -12.73
C MET A 1 -25.92 4.90 -11.78
N GLU A 2 -25.04 5.56 -11.04
CA GLU A 2 -24.02 4.86 -10.25
C GLU A 2 -24.61 3.86 -9.25
N LYS A 3 -25.74 4.24 -8.63
CA LYS A 3 -26.37 3.40 -7.61
C LYS A 3 -26.75 2.03 -8.17
N ALA A 4 -27.21 2.03 -9.42
CA ALA A 4 -27.56 0.78 -10.08
C ALA A 4 -26.30 -0.03 -10.36
N ALA A 5 -25.26 0.65 -10.83
CA ALA A 5 -24.01 -0.04 -11.07
C ALA A 5 -23.46 -0.62 -9.76
N ASN A 6 -23.57 0.12 -8.66
CA ASN A 6 -23.02 -0.40 -7.40
C ASN A 6 -23.82 -1.59 -6.89
N SER A 7 -25.14 -1.51 -7.07
CA SER A 7 -26.03 -2.61 -6.77
C SER A 7 -25.59 -3.93 -7.41
N ILE A 8 -25.18 -3.92 -8.67
CA ILE A 8 -24.67 -5.15 -9.29
C ILE A 8 -23.29 -5.49 -8.75
N ALA A 9 -22.45 -4.48 -8.58
CA ALA A 9 -21.10 -4.68 -8.08
C ALA A 9 -21.11 -5.52 -6.79
N LYS A 10 -22.07 -5.22 -5.92
CA LYS A 10 -22.23 -5.90 -4.64
C LYS A 10 -22.31 -7.42 -4.73
N ARG A 11 -22.79 -7.92 -5.87
CA ARG A 11 -23.14 -9.34 -5.99
C ARG A 11 -21.98 -10.24 -6.37
N VAL A 12 -20.79 -9.66 -6.50
CA VAL A 12 -19.61 -10.45 -6.83
C VAL A 12 -18.43 -9.83 -6.11
N PRO A 13 -17.44 -10.66 -5.74
CA PRO A 13 -16.27 -10.12 -5.06
C PRO A 13 -15.64 -9.03 -5.90
N LEU A 14 -15.00 -8.04 -5.26
CA LEU A 14 -14.51 -6.88 -5.97
C LEU A 14 -13.50 -7.31 -7.02
N ALA A 15 -13.57 -6.70 -8.20
CA ALA A 15 -12.58 -6.93 -9.23
C ALA A 15 -11.30 -6.20 -8.88
N LEU A 16 -10.22 -6.95 -8.72
CA LEU A 16 -8.91 -6.34 -8.51
C LEU A 16 -7.97 -6.85 -9.56
N PRO A 17 -6.92 -6.07 -9.84
CA PRO A 17 -5.79 -6.52 -10.67
C PRO A 17 -5.23 -7.84 -10.13
N GLU A 18 -4.51 -8.55 -10.98
CA GLU A 18 -3.80 -9.76 -10.59
C GLU A 18 -2.90 -9.45 -9.41
N ALA A 19 -2.81 -10.38 -8.47
CA ALA A 19 -2.03 -10.15 -7.26
C ALA A 19 -0.60 -9.77 -7.62
N GLY A 20 -0.08 -8.73 -6.98
CA GLY A 20 1.26 -8.28 -7.29
C GLY A 20 1.56 -6.85 -6.90
N LEU A 21 2.72 -6.38 -7.38
CA LEU A 21 3.22 -5.06 -7.07
C LEU A 21 3.00 -4.12 -8.25
N TYR A 22 2.48 -2.94 -7.95
CA TYR A 22 2.09 -1.99 -8.98
C TYR A 22 2.67 -0.61 -8.73
N GLN A 23 2.84 0.16 -9.79
CA GLN A 23 3.02 1.59 -9.59
C GLN A 23 1.67 2.27 -9.58
N ALA A 24 1.51 3.21 -8.68
CA ALA A 24 0.28 3.96 -8.54
C ALA A 24 0.53 5.41 -8.91
N ASN A 25 -0.43 6.00 -9.61
CA ASN A 25 -0.34 7.41 -9.99
C ASN A 25 -1.62 8.14 -9.63
N LEU A 26 -1.52 9.12 -8.72
CA LEU A 26 -2.68 9.92 -8.37
C LEU A 26 -3.07 10.79 -9.56
N MET A 27 -4.35 10.78 -9.90
CA MET A 27 -4.80 11.46 -11.10
C MET A 27 -5.66 12.68 -10.80
N SER A 28 -5.75 13.58 -11.77
CA SER A 28 -6.64 14.72 -11.69
C SER A 28 -7.68 14.53 -12.77
N ARG A 29 -8.90 14.98 -12.50
CA ARG A 29 -9.96 14.91 -13.51
C ARG A 29 -10.77 16.19 -13.52
N ASP A 30 -11.12 16.65 -14.71
CA ASP A 30 -11.92 17.86 -14.83
C ASP A 30 -13.34 17.54 -15.31
N GLY A 31 -14.17 17.02 -14.42
CA GLY A 31 -15.53 16.67 -14.77
C GLY A 31 -15.83 15.18 -14.61
N ASP A 32 -17.06 14.87 -14.22
CA ASP A 32 -17.45 13.48 -13.95
C ASP A 32 -17.32 12.59 -15.18
N LYS A 33 -17.16 13.21 -16.35
CA LYS A 33 -17.10 12.46 -17.61
C LYS A 33 -15.85 12.83 -18.42
N ALA A 34 -14.87 13.45 -17.77
CA ALA A 34 -13.62 13.77 -18.44
C ALA A 34 -12.59 12.67 -18.18
N THR A 35 -11.56 12.63 -19.02
CA THR A 35 -10.51 11.62 -18.89
C THR A 35 -9.44 12.07 -17.90
N PRO A 36 -9.10 11.20 -16.94
CA PRO A 36 -8.17 11.58 -15.88
C PRO A 36 -6.73 11.65 -16.38
N ARG A 37 -5.99 12.62 -15.88
CA ARG A 37 -4.58 12.77 -16.23
C ARG A 37 -3.71 12.60 -14.99
N MET A 38 -2.66 11.79 -15.11
CA MET A 38 -1.76 11.58 -14.00
C MET A 38 -1.09 12.90 -13.60
N ILE A 39 -0.72 13.02 -12.34
CA ILE A 39 -0.17 14.27 -11.80
C ILE A 39 1.30 14.08 -11.53
N LYS A 40 2.14 14.98 -12.04
CA LYS A 40 3.58 14.82 -11.88
C LYS A 40 3.98 14.66 -10.40
N ASP A 41 4.92 13.74 -10.17
CA ASP A 41 5.49 13.53 -8.84
C ASP A 41 4.50 13.01 -7.80
N LEU A 42 3.29 12.67 -8.22
CA LEU A 42 2.32 12.05 -7.29
C LEU A 42 2.20 10.57 -7.57
N ASP A 43 3.34 9.91 -7.65
CA ASP A 43 3.37 8.46 -7.86
C ASP A 43 3.60 7.74 -6.55
N GLY A 44 3.20 6.47 -6.52
CA GLY A 44 3.37 5.67 -5.33
C GLY A 44 3.46 4.21 -5.66
N LEU A 45 3.22 3.38 -4.67
CA LEU A 45 3.19 1.94 -4.82
C LEU A 45 1.81 1.43 -4.51
N ALA A 46 1.47 0.30 -5.09
CA ALA A 46 0.23 -0.35 -4.75
C ALA A 46 0.52 -1.82 -4.69
N LEU A 47 -0.20 -2.53 -3.84
CA LEU A 47 0.07 -3.94 -3.68
C LEU A 47 -1.28 -4.62 -3.62
N VAL A 48 -1.51 -5.55 -4.54
CA VAL A 48 -2.67 -6.41 -4.43
C VAL A 48 -2.22 -7.73 -3.87
N TYR A 49 -2.76 -8.09 -2.72
CA TYR A 49 -2.33 -9.31 -2.09
C TYR A 49 -3.06 -10.48 -2.69
N PRO A 50 -2.45 -11.67 -2.58
CA PRO A 50 -3.14 -12.80 -3.20
C PRO A 50 -4.52 -13.00 -2.57
N LYS A 51 -5.43 -13.50 -3.39
CA LYS A 51 -6.80 -13.72 -2.98
C LYS A 51 -6.87 -14.77 -1.86
N GLY A 52 -7.45 -14.39 -0.74
CA GLY A 52 -7.73 -15.35 0.31
C GLY A 52 -8.97 -16.15 0.00
N GLU A 53 -9.31 -17.06 0.89
CA GLU A 53 -10.52 -17.85 0.71
C GLU A 53 -11.70 -17.07 1.25
N THR A 54 -11.40 -16.00 1.98
CA THR A 54 -12.41 -15.23 2.70
C THR A 54 -12.33 -13.76 2.31
N VAL A 55 -11.11 -13.27 2.17
CA VAL A 55 -10.86 -11.87 1.94
C VAL A 55 -9.69 -11.66 0.97
N GLN A 56 -9.76 -10.57 0.20
CA GLN A 56 -8.60 -10.13 -0.52
C GLN A 56 -8.26 -8.72 -0.07
N HIS A 57 -6.99 -8.49 0.22
CA HIS A 57 -6.55 -7.19 0.67
C HIS A 57 -5.75 -6.52 -0.43
N TRP A 58 -5.67 -5.20 -0.39
CA TRP A 58 -4.73 -4.49 -1.22
C TRP A 58 -4.43 -3.18 -0.55
N GLY A 59 -3.40 -2.49 -1.04
CA GLY A 59 -3.12 -1.17 -0.50
C GLY A 59 -2.46 -0.26 -1.53
N VAL A 60 -2.57 1.02 -1.26
CA VAL A 60 -1.89 2.04 -2.05
C VAL A 60 -1.21 2.99 -1.09
N TRP A 61 0.05 3.29 -1.35
CA TRP A 61 0.83 4.19 -0.51
C TRP A 61 1.41 5.30 -1.33
N VAL A 62 1.28 6.51 -0.82
CA VAL A 62 1.86 7.65 -1.48
C VAL A 62 2.52 8.58 -0.48
N ASP A 63 3.74 8.99 -0.83
CA ASP A 63 4.54 9.91 -0.04
C ASP A 63 4.84 11.11 -0.89
N HIS A 64 4.47 12.30 -0.42
CA HIS A 64 4.75 13.51 -1.18
C HIS A 64 5.23 14.60 -0.23
N GLN A 65 6.21 15.39 -0.67
CA GLN A 65 6.65 16.52 0.12
C GLN A 65 6.54 17.80 -0.69
N VAL A 66 6.15 18.88 -0.03
CA VAL A 66 6.15 20.21 -0.61
C VAL A 66 6.64 21.16 0.46
N GLY A 67 7.62 21.99 0.12
CA GLY A 67 8.30 22.76 1.13
C GLY A 67 8.87 21.81 2.15
N LYS A 68 8.65 22.11 3.43
CA LYS A 68 9.09 21.25 4.51
C LYS A 68 7.93 20.39 5.01
N VAL A 69 6.87 20.28 4.21
CA VAL A 69 5.67 19.57 4.62
C VAL A 69 5.47 18.24 3.90
N GLU A 70 5.48 17.13 4.63
CA GLU A 70 5.16 15.84 4.04
C GLU A 70 3.69 15.50 4.18
N THR A 71 3.13 14.95 3.11
CA THR A 71 1.81 14.39 3.15
C THR A 71 1.89 12.94 2.71
N ASN A 72 1.67 12.04 3.66
CA ASN A 72 1.71 10.62 3.42
C ASN A 72 0.33 10.05 3.50
N SER A 73 -0.03 9.21 2.55
CA SER A 73 -1.34 8.59 2.54
C SER A 73 -1.21 7.10 2.28
N GLN A 74 -2.08 6.34 2.90
CA GLN A 74 -2.25 4.96 2.53
C GLN A 74 -3.74 4.70 2.34
N TRP A 75 -4.06 3.89 1.34
CA TRP A 75 -5.43 3.41 1.16
C TRP A 75 -5.38 1.92 1.32
N LEU A 76 -6.27 1.41 2.15
CA LEU A 76 -6.25 0.00 2.49
C LEU A 76 -7.59 -0.54 2.16
N GLY A 77 -7.59 -1.62 1.38
CA GLY A 77 -8.82 -2.18 0.89
C GLY A 77 -8.95 -3.58 1.40
N GLN A 78 -10.18 -3.94 1.71
CA GLN A 78 -10.51 -5.31 2.06
C GLN A 78 -11.72 -5.69 1.24
N ALA A 79 -11.62 -6.76 0.45
CA ALA A 79 -12.78 -7.23 -0.34
C ALA A 79 -13.19 -8.62 0.10
N ASP A 80 -14.38 -8.73 0.66
CA ASP A 80 -14.90 -10.04 1.06
C ASP A 80 -15.10 -10.92 -0.16
N GLN A 81 -14.78 -12.20 0.02
CA GLN A 81 -14.84 -13.19 -1.04
C GLN A 81 -16.06 -14.08 -0.88
N LYS A 82 -16.44 -14.32 0.37
CA LYS A 82 -17.65 -15.09 0.64
C LYS A 82 -18.82 -14.12 0.72
N ALA A 83 -20.04 -14.63 0.59
CA ALA A 83 -21.20 -13.76 0.55
C ALA A 83 -21.69 -13.40 1.94
N ASP A 84 -22.26 -12.22 2.05
CA ASP A 84 -22.83 -11.71 3.29
C ASP A 84 -24.29 -12.21 3.42
N LYS A 85 -24.83 -12.19 4.63
CA LYS A 85 -26.18 -12.71 4.91
C LYS A 85 -27.25 -12.03 4.05
N ASP A 86 -26.97 -10.83 3.56
CA ASP A 86 -27.90 -10.16 2.66
C ASP A 86 -27.56 -10.48 1.19
N GLY A 87 -26.67 -11.44 0.99
CA GLY A 87 -26.24 -11.82 -0.35
C GLY A 87 -25.25 -10.84 -0.97
N ILE A 88 -24.58 -10.07 -0.12
CA ILE A 88 -23.67 -9.02 -0.59
C ILE A 88 -22.20 -9.42 -0.36
N TYR A 89 -21.30 -8.86 -1.16
CA TYR A 89 -19.87 -9.06 -0.95
C TYR A 89 -19.25 -7.77 -0.47
N PRO A 90 -19.11 -7.64 0.84
CA PRO A 90 -18.60 -6.40 1.45
C PRO A 90 -17.22 -5.97 0.93
N VAL A 91 -17.13 -4.69 0.63
CA VAL A 91 -15.87 -4.04 0.40
C VAL A 91 -15.69 -2.95 1.44
N GLN A 92 -14.49 -2.86 2.00
CA GLN A 92 -14.13 -1.77 2.90
C GLN A 92 -12.87 -1.09 2.40
N LEU A 93 -12.91 0.23 2.43
CA LEU A 93 -11.80 1.06 2.05
C LEU A 93 -11.50 2.03 3.18
N ILE A 94 -10.22 2.18 3.46
CA ILE A 94 -9.72 3.11 4.46
C ILE A 94 -8.64 4.00 3.84
N ARG A 95 -8.75 5.30 4.02
CA ARG A 95 -7.64 6.18 3.75
C ARG A 95 -7.12 6.71 5.05
N ASN A 96 -5.80 6.62 5.25
CA ASN A 96 -5.14 7.41 6.27
C ASN A 96 -4.17 8.37 5.59
N SER A 97 -4.29 9.64 5.89
CA SER A 97 -3.36 10.60 5.35
C SER A 97 -2.86 11.46 6.50
N GLU A 98 -1.56 11.72 6.50
CA GLU A 98 -0.94 12.52 7.54
C GLU A 98 -0.27 13.69 6.85
N ARG A 99 -0.35 14.86 7.47
CA ARG A 99 0.32 16.03 6.96
C ARG A 99 1.25 16.51 8.03
N LEU A 100 2.55 16.46 7.77
CA LEU A 100 3.54 16.77 8.79
C LEU A 100 4.35 17.97 8.37
N GLY A 101 4.19 19.06 9.11
CA GLY A 101 4.92 20.28 8.89
C GLY A 101 5.20 20.88 10.25
N THR A 102 5.10 22.21 10.35
CA THR A 102 5.18 22.83 11.67
C THR A 102 4.04 22.27 12.52
N SER A 103 2.90 22.03 11.87
CA SER A 103 1.76 21.41 12.52
C SER A 103 1.57 19.98 12.05
N THR A 104 0.62 19.30 12.65
CA THR A 104 0.37 17.90 12.33
C THR A 104 -1.12 17.72 12.04
N ALA A 105 -1.41 16.85 11.07
CA ALA A 105 -2.79 16.54 10.75
C ALA A 105 -2.91 15.07 10.40
N LEU A 106 -3.97 14.43 10.86
CA LEU A 106 -4.25 13.07 10.47
C LEU A 106 -5.70 13.02 10.03
N SER A 107 -5.96 12.42 8.89
CA SER A 107 -7.33 12.20 8.48
C SER A 107 -7.52 10.74 8.09
N SER A 108 -8.48 10.09 8.74
CA SER A 108 -8.74 8.69 8.51
C SER A 108 -10.21 8.51 8.22
N VAL A 109 -10.51 7.80 7.16
CA VAL A 109 -11.88 7.70 6.74
C VAL A 109 -12.09 6.35 6.11
N THR A 110 -13.14 5.67 6.55
CA THR A 110 -13.49 4.40 5.92
C THR A 110 -14.75 4.59 5.08
N ASN A 111 -14.92 3.72 4.09
CA ASN A 111 -16.10 3.73 3.25
C ASN A 111 -16.30 2.33 2.68
N ASP A 112 -17.55 1.90 2.60
CA ASP A 112 -17.86 0.55 2.18
C ASP A 112 -18.53 0.47 0.79
N HIS A 113 -18.30 1.47 -0.05
CA HIS A 113 -18.78 1.40 -1.43
C HIS A 113 -18.12 0.25 -2.17
N ASN A 114 -18.86 -0.37 -3.08
CA ASN A 114 -18.37 -1.57 -3.78
C ASN A 114 -17.74 -1.28 -5.13
N LEU A 115 -18.33 -0.37 -5.88
CA LEU A 115 -17.85 -0.08 -7.22
C LEU A 115 -16.72 0.93 -7.15
N ILE A 116 -15.52 0.47 -6.84
CA ILE A 116 -14.38 1.38 -6.67
C ILE A 116 -13.18 0.98 -7.52
N THR A 117 -13.33 -0.08 -8.30
CA THR A 117 -12.29 -0.40 -9.29
C THR A 117 -12.90 -0.35 -10.67
N PHE A 118 -12.09 0.09 -11.63
CA PHE A 118 -12.48 0.16 -13.03
C PHE A 118 -11.36 -0.38 -13.90
N GLN A 119 -11.70 -1.27 -14.80
CA GLN A 119 -10.71 -1.96 -15.63
C GLN A 119 -10.58 -1.27 -16.99
N ASP A 120 -9.38 -1.29 -17.55
CA ASP A 120 -9.10 -0.72 -18.87
C ASP A 120 -9.65 0.70 -19.06
N GLN A 121 -9.33 1.59 -18.13
CA GLN A 121 -9.78 2.98 -18.23
C GLN A 121 -8.79 3.86 -18.99
N PRO A 122 -9.33 4.74 -19.83
CA PRO A 122 -8.51 5.74 -20.53
C PRO A 122 -7.85 6.69 -19.53
N VAL A 123 -6.54 6.83 -19.62
CA VAL A 123 -5.83 7.75 -18.75
C VAL A 123 -4.73 8.51 -19.47
N ILE A 124 -4.69 9.82 -19.27
CA ILE A 124 -3.62 10.63 -19.83
C ILE A 124 -2.38 10.52 -18.96
N ASP A 125 -1.36 9.82 -19.44
CA ASP A 125 -0.15 9.63 -18.67
C ASP A 125 0.62 10.95 -18.56
N LEU A 126 1.84 10.87 -18.03
CA LEU A 126 2.65 12.05 -17.78
C LEU A 126 3.13 12.76 -19.05
N GLN A 127 2.99 12.10 -20.20
CA GLN A 127 3.45 12.65 -21.47
C GLN A 127 2.32 13.29 -22.27
N GLY A 128 1.09 13.11 -21.80
CA GLY A 128 -0.08 13.58 -22.51
C GLY A 128 -0.64 12.50 -23.43
N LYS A 129 -0.07 11.30 -23.31
CA LYS A 129 -0.49 10.14 -24.09
C LYS A 129 -1.62 9.38 -23.42
N GLU A 130 -2.72 9.17 -24.14
CA GLU A 130 -3.82 8.37 -23.60
C GLU A 130 -3.45 6.90 -23.61
N ILE A 131 -3.65 6.23 -22.47
CA ILE A 131 -3.35 4.82 -22.35
C ILE A 131 -4.43 4.19 -21.47
N LYS A 132 -4.45 2.87 -21.36
CA LYS A 132 -5.47 2.20 -20.56
C LYS A 132 -4.88 1.55 -19.30
N ARG A 133 -5.62 1.67 -18.20
CA ARG A 133 -5.16 1.21 -16.90
C ARG A 133 -6.29 0.91 -15.96
N TRP A 134 -6.07 -0.06 -15.07
N TRP A 134 -6.05 -0.04 -15.06
CA TRP A 134 -6.95 -0.23 -13.94
CA TRP A 134 -6.94 -0.25 -13.93
C TRP A 134 -7.01 1.09 -13.22
C TRP A 134 -6.98 1.02 -13.11
N VAL A 135 -8.18 1.45 -12.72
CA VAL A 135 -8.32 2.70 -11.99
C VAL A 135 -9.08 2.47 -10.71
N PHE A 136 -8.51 2.92 -9.60
CA PHE A 136 -9.22 2.94 -8.33
C PHE A 136 -9.96 4.26 -8.17
N ASP A 137 -11.20 4.16 -7.71
CA ASP A 137 -11.98 5.33 -7.35
C ASP A 137 -11.99 5.46 -5.82
N PHE A 138 -11.10 6.31 -5.30
CA PHE A 138 -11.00 6.53 -3.85
C PHE A 138 -11.65 7.85 -3.44
N THR A 139 -12.61 8.32 -4.24
CA THR A 139 -13.28 9.59 -3.98
C THR A 139 -14.04 9.62 -2.66
N ARG A 140 -14.61 8.49 -2.29
CA ARG A 140 -15.46 8.43 -1.11
C ARG A 140 -14.69 8.40 0.23
N THR A 141 -13.39 8.17 0.21
CA THR A 141 -12.64 8.35 1.45
C THR A 141 -12.04 9.76 1.53
N GLY A 142 -12.40 10.62 0.59
CA GLY A 142 -12.11 12.04 0.71
C GLY A 142 -10.80 12.47 0.10
N THR A 143 -10.65 13.77 -0.15
CA THR A 143 -9.47 14.30 -0.81
C THR A 143 -8.93 15.54 -0.09
N LYS A 144 -9.66 16.00 0.91
CA LYS A 144 -9.27 17.19 1.67
C LYS A 144 -8.88 16.90 3.11
N PHE A 145 -8.12 17.84 3.69
CA PHE A 145 -7.97 17.92 5.13
C PHE A 145 -9.01 18.89 5.68
N SER A 146 -9.28 18.79 6.97
CA SER A 146 -10.41 19.47 7.58
C SER A 146 -10.43 20.98 7.36
N ASP A 147 -9.26 21.59 7.14
CA ASP A 147 -9.21 23.05 6.92
C ASP A 147 -9.41 23.41 5.45
N ASN A 148 -10.00 22.47 4.71
CA ASN A 148 -10.40 22.70 3.32
C ASN A 148 -9.24 22.64 2.36
N SER A 149 -8.04 22.47 2.89
CA SER A 149 -6.85 22.23 2.08
C SER A 149 -6.88 20.81 1.51
N PRO A 150 -6.66 20.68 0.19
CA PRO A 150 -6.59 19.33 -0.40
C PRO A 150 -5.38 18.54 0.08
N ILE A 151 -5.55 17.24 0.23
CA ILE A 151 -4.46 16.36 0.63
C ILE A 151 -3.33 16.42 -0.42
N TYR A 152 -3.67 16.20 -1.69
CA TYR A 152 -2.70 16.39 -2.78
C TYR A 152 -3.28 17.29 -3.87
N SER A 153 -2.66 18.45 -4.05
CA SER A 153 -3.08 19.42 -5.06
C SER A 153 -3.44 18.76 -6.39
N GLY A 154 -4.67 18.97 -6.84
CA GLY A 154 -5.09 18.43 -8.12
C GLY A 154 -5.69 17.03 -8.07
N PHE A 155 -5.51 16.34 -6.96
CA PHE A 155 -5.99 14.97 -6.82
C PHE A 155 -7.53 14.90 -6.88
N SER A 156 -8.02 14.02 -7.75
CA SER A 156 -9.44 13.81 -7.95
C SER A 156 -9.97 12.69 -7.09
N GLY A 157 -9.07 11.87 -6.56
CA GLY A 157 -9.50 10.70 -5.81
C GLY A 157 -9.37 9.45 -6.66
N HIS A 158 -8.97 9.63 -7.91
CA HIS A 158 -8.80 8.49 -8.82
C HIS A 158 -7.34 8.12 -8.94
N VAL A 159 -7.08 6.81 -8.95
CA VAL A 159 -5.72 6.33 -8.91
C VAL A 159 -5.51 5.25 -9.94
N ALA A 160 -4.54 5.48 -10.83
CA ALA A 160 -4.15 4.52 -11.84
C ALA A 160 -3.08 3.61 -11.30
N VAL A 161 -3.11 2.35 -11.71
CA VAL A 161 -2.04 1.44 -11.36
C VAL A 161 -1.42 0.81 -12.61
N THR A 162 -0.11 0.58 -12.56
CA THR A 162 0.64 -0.04 -13.64
C THR A 162 1.47 -1.19 -13.08
N ALA A 163 1.42 -2.36 -13.70
N ALA A 163 1.44 -2.31 -13.80
CA ALA A 163 2.16 -3.50 -13.17
CA ALA A 163 1.83 -3.62 -13.30
C ALA A 163 3.67 -3.27 -13.27
C ALA A 163 3.28 -3.78 -12.85
N LEU A 164 4.38 -3.57 -12.18
N LEU A 164 3.60 -5.02 -12.46
CA LEU A 164 5.83 -3.46 -12.15
CA LEU A 164 4.75 -5.33 -11.62
C LEU A 164 6.47 -4.83 -12.36
C LEU A 164 6.11 -5.11 -12.27
N THR A 165 7.61 -4.87 -13.06
N THR A 165 6.65 -6.18 -12.85
CA THR A 165 8.30 -6.14 -13.23
CA THR A 165 8.07 -6.24 -13.20
C THR A 165 9.09 -6.42 -11.96
C THR A 165 8.87 -6.34 -11.91
N THR A 166 8.74 -7.50 -11.29
CA THR A 166 9.40 -7.84 -10.04
C THR A 166 10.36 -9.01 -10.22
N LYS A 167 11.58 -8.88 -9.72
CA LYS A 167 12.50 -10.01 -9.64
C LYS A 167 12.21 -10.82 -8.40
N ALA A 168 12.77 -12.01 -8.34
CA ALA A 168 12.72 -12.80 -7.13
C ALA A 168 13.72 -12.22 -6.13
N VAL A 169 13.47 -12.46 -4.85
CA VAL A 169 14.32 -11.96 -3.78
C VAL A 169 15.63 -12.74 -3.70
N THR A 170 16.75 -12.03 -3.67
CA THR A 170 18.06 -12.66 -3.59
C THR A 170 18.69 -12.43 -2.22
N THR A 171 19.84 -13.04 -1.99
CA THR A 171 20.56 -12.79 -0.75
C THR A 171 21.20 -11.41 -0.85
N ALA A 172 20.82 -10.54 0.07
CA ALA A 172 21.31 -9.17 0.01
C ALA A 172 21.08 -8.45 1.31
N SER A 173 21.71 -7.28 1.42
CA SER A 173 21.53 -6.44 2.58
C SER A 173 20.80 -5.17 2.19
N TRP A 174 19.81 -4.78 3.00
CA TRP A 174 19.01 -3.64 2.65
C TRP A 174 18.84 -2.68 3.83
N SER A 175 18.28 -1.53 3.52
CA SER A 175 18.04 -0.51 4.52
C SER A 175 16.77 0.23 4.19
N ALA A 176 15.85 0.25 5.16
CA ALA A 176 14.62 1.00 4.99
C ALA A 176 14.90 2.49 5.11
N THR A 177 15.45 3.07 4.04
CA THR A 177 15.69 4.51 3.93
C THR A 177 15.91 5.23 5.28
N ASP A 178 16.64 4.58 6.18
CA ASP A 178 16.67 4.97 7.58
C ASP A 178 18.02 5.48 8.07
N SER A 179 18.13 5.66 9.39
CA SER A 179 19.34 6.13 10.06
C SER A 179 19.94 7.38 9.41
N PHE A 182 19.91 7.53 14.82
CA PHE A 182 20.44 6.31 15.42
C PHE A 182 19.36 5.21 15.40
N SER A 183 19.34 4.40 16.46
CA SER A 183 18.41 3.27 16.56
C SER A 183 17.05 3.70 17.13
N SER A 184 16.44 4.69 16.49
CA SER A 184 15.19 5.24 16.99
C SER A 184 14.06 5.10 15.97
N GLU A 185 14.41 4.71 14.75
CA GLU A 185 13.44 4.62 13.67
C GLU A 185 12.55 3.38 13.83
N MET A 186 11.46 3.37 13.09
CA MET A 186 10.54 2.25 13.09
C MET A 186 11.17 0.99 12.47
N VAL A 187 11.73 1.14 11.27
CA VAL A 187 12.42 0.03 10.62
C VAL A 187 13.85 0.44 10.26
N GLY A 188 14.77 -0.51 10.41
CA GLY A 188 16.19 -0.27 10.18
C GLY A 188 16.73 -1.19 9.10
N LYS A 189 17.72 -1.99 9.43
CA LYS A 189 18.30 -2.94 8.47
C LYS A 189 17.28 -4.01 8.08
N VAL A 190 17.34 -4.44 6.82
CA VAL A 190 16.60 -5.62 6.40
C VAL A 190 17.58 -6.55 5.71
N ASP A 191 17.63 -7.80 6.15
CA ASP A 191 18.53 -8.76 5.56
C ASP A 191 17.74 -9.91 4.92
N THR A 192 18.10 -10.27 3.70
CA THR A 192 17.43 -11.36 3.01
C THR A 192 18.44 -12.44 2.60
N THR A 193 18.02 -13.68 2.77
CA THR A 193 18.80 -14.83 2.35
C THR A 193 17.93 -15.65 1.42
N ASN A 194 18.39 -15.85 0.19
CA ASN A 194 17.76 -16.80 -0.72
C ASN A 194 18.69 -17.97 -0.92
N ASN A 195 18.44 -19.04 -0.18
CA ASN A 195 19.26 -20.23 -0.26
C ASN A 195 18.54 -21.33 -1.04
N GLY A 196 18.79 -21.37 -2.34
CA GLY A 196 18.20 -22.37 -3.21
C GLY A 196 16.68 -22.34 -3.20
N GLY A 197 16.10 -21.15 -3.08
CA GLY A 197 14.66 -21.02 -3.14
C GLY A 197 14.02 -20.76 -1.79
N LYS A 198 14.61 -21.31 -0.73
CA LYS A 198 14.16 -21.04 0.63
C LYS A 198 14.54 -19.62 1.02
N LEU A 199 13.54 -18.85 1.39
CA LEU A 199 13.71 -17.42 1.59
C LEU A 199 13.62 -17.09 3.07
N THR A 200 14.59 -16.34 3.59
CA THR A 200 14.48 -15.83 4.96
C THR A 200 14.70 -14.33 4.94
N VAL A 201 13.82 -13.59 5.62
CA VAL A 201 13.92 -12.15 5.69
C VAL A 201 13.99 -11.70 7.15
N ALA A 202 15.02 -10.94 7.50
CA ALA A 202 15.15 -10.40 8.85
C ALA A 202 14.96 -8.89 8.82
N ILE A 203 14.01 -8.42 9.61
CA ILE A 203 13.63 -7.02 9.65
C ILE A 203 13.89 -6.47 11.04
N GLU A 204 14.80 -5.52 11.16
CA GLU A 204 15.07 -4.95 12.45
C GLU A 204 14.10 -3.81 12.69
N PHE A 205 13.49 -3.80 13.87
CA PHE A 205 12.58 -2.73 14.30
C PHE A 205 13.25 -2.07 15.47
N PRO A 206 14.06 -1.05 15.19
CA PRO A 206 14.92 -0.51 16.25
C PRO A 206 14.12 0.10 17.42
N ALA A 207 13.06 0.84 17.14
CA ALA A 207 12.28 1.45 18.21
C ALA A 207 11.65 0.37 19.08
N ALA A 208 11.06 -0.65 18.46
CA ALA A 208 10.44 -1.73 19.20
C ALA A 208 11.49 -2.64 19.86
N GLY A 209 12.74 -2.51 19.45
CA GLY A 209 13.83 -3.23 20.08
C GLY A 209 13.94 -4.70 19.73
N CYS A 210 13.61 -5.06 18.50
CA CYS A 210 13.55 -6.47 18.12
C CYS A 210 13.75 -6.71 16.63
N THR A 211 14.02 -7.95 16.27
CA THR A 211 14.12 -8.32 14.87
C THR A 211 13.14 -9.42 14.51
N LEU A 212 12.30 -9.16 13.52
CA LEU A 212 11.35 -10.14 13.08
C LEU A 212 12.00 -10.94 11.97
N VAL A 213 11.76 -12.25 11.97
CA VAL A 213 12.31 -13.05 10.89
C VAL A 213 11.19 -13.82 10.21
N GLY A 214 11.20 -13.79 8.89
CA GLY A 214 10.21 -14.48 8.10
C GLY A 214 10.81 -15.54 7.20
N GLU A 215 10.11 -16.65 7.07
CA GLU A 215 10.52 -17.72 6.18
C GLU A 215 9.50 -17.92 5.07
N GLY A 216 9.97 -18.22 3.87
CA GLY A 216 9.07 -18.50 2.77
C GLY A 216 9.81 -19.10 1.59
N SER A 217 9.12 -19.23 0.47
CA SER A 217 9.72 -19.75 -0.76
C SER A 217 9.81 -18.66 -1.81
N ALA A 218 10.97 -18.57 -2.47
CA ALA A 218 11.18 -17.55 -3.49
C ALA A 218 10.21 -17.76 -4.64
N THR A 219 9.80 -16.66 -5.26
CA THR A 219 8.86 -16.72 -6.38
C THR A 219 8.96 -15.43 -7.17
N ALA A 220 8.63 -15.49 -8.46
CA ALA A 220 8.38 -14.29 -9.23
C ALA A 220 7.15 -13.62 -8.61
N GLY A 221 7.17 -12.30 -8.57
CA GLY A 221 6.10 -11.60 -7.86
C GLY A 221 6.22 -11.85 -6.38
N LEU A 222 5.08 -11.97 -5.71
CA LEU A 222 5.03 -11.96 -4.26
C LEU A 222 5.35 -13.28 -3.62
N SER A 223 6.29 -13.26 -2.69
CA SER A 223 6.61 -14.46 -1.93
C SER A 223 5.97 -14.32 -0.57
N LYS A 224 5.22 -15.34 -0.18
CA LYS A 224 4.57 -15.39 1.11
C LYS A 224 5.56 -15.72 2.21
N LEU A 225 5.58 -14.89 3.24
CA LEU A 225 6.43 -15.13 4.40
C LEU A 225 5.59 -15.39 5.64
N THR A 226 6.11 -16.21 6.54
CA THR A 226 5.55 -16.28 7.87
C THR A 226 6.56 -15.69 8.85
N MET A 227 6.12 -14.65 9.56
CA MET A 227 6.96 -13.88 10.46
C MET A 227 6.95 -14.40 11.89
N THR A 228 8.12 -14.39 12.53
CA THR A 228 8.20 -14.64 13.97
C THR A 228 9.13 -13.64 14.64
N GLY A 229 9.09 -13.61 15.97
CA GLY A 229 9.89 -12.67 16.73
C GLY A 229 9.07 -11.70 17.56
N PHE A 230 7.75 -11.73 17.39
CA PHE A 230 6.90 -10.70 18.00
C PHE A 230 7.01 -10.62 19.51
N GLY A 231 7.19 -11.77 20.17
CA GLY A 231 7.37 -11.80 21.61
C GLY A 231 8.55 -11.00 22.14
N LYS A 232 9.48 -10.58 21.27
CA LYS A 232 10.65 -9.86 21.76
C LYS A 232 10.54 -8.34 21.59
N CYS A 233 9.41 -7.90 21.05
CA CYS A 233 9.23 -6.54 20.56
C CYS A 233 8.42 -5.69 21.50
N ASN A 234 8.72 -4.41 21.57
CA ASN A 234 7.79 -3.48 22.21
C ASN A 234 7.25 -2.45 21.24
N PHE A 235 6.15 -2.80 20.56
CA PHE A 235 5.48 -1.89 19.66
C PHE A 235 4.47 -1.05 20.42
N LYS A 236 4.85 0.17 20.77
CA LYS A 236 3.91 1.02 21.49
C LYS A 236 3.58 2.29 20.69
N GLN A 237 2.49 2.95 21.07
CA GLN A 237 2.19 4.31 20.61
C GLN A 237 3.27 5.27 21.09
N SER A 238 3.90 5.98 20.16
CA SER A 238 4.95 6.93 20.52
C SER A 238 4.48 8.39 20.52
N ALA A 239 5.48 9.27 20.50
CA ALA A 239 5.32 10.65 20.08
C ALA A 239 6.37 10.86 18.99
N ALA A 240 7.42 10.06 19.07
CA ALA A 240 8.47 10.05 18.08
C ALA A 240 7.99 9.50 16.76
N ALA A 241 6.86 8.80 16.78
CA ALA A 241 6.35 8.24 15.53
C ALA A 241 5.31 9.17 14.92
N THR A 242 5.20 9.12 13.60
CA THR A 242 4.11 9.79 12.91
C THR A 242 2.79 9.11 13.24
N PRO A 243 1.67 9.79 12.97
CA PRO A 243 0.34 9.17 13.13
C PRO A 243 0.23 7.81 12.43
N ILE A 244 0.66 7.71 11.18
CA ILE A 244 0.54 6.45 10.46
C ILE A 244 1.47 5.37 11.04
N GLU A 245 2.64 5.76 11.49
CA GLU A 245 3.51 4.83 12.16
C GLU A 245 2.88 4.27 13.42
N ASN A 246 2.23 5.14 14.19
CA ASN A 246 1.51 4.67 15.36
C ASN A 246 0.37 3.72 14.98
N LEU A 247 -0.27 3.96 13.85
CA LEU A 247 -1.20 2.98 13.34
C LEU A 247 -0.52 1.64 13.08
N TRP A 248 0.63 1.67 12.41
CA TRP A 248 1.37 0.43 12.15
C TRP A 248 1.77 -0.24 13.48
N ASN A 249 2.23 0.55 14.44
CA ASN A 249 2.53 0.04 15.78
C ASN A 249 1.35 -0.60 16.47
N ALA A 250 0.16 -0.02 16.34
CA ALA A 250 -1.00 -0.58 17.01
C ALA A 250 -1.28 -1.96 16.43
N ALA A 251 -1.11 -2.12 15.12
CA ALA A 251 -1.34 -3.43 14.52
C ALA A 251 -0.24 -4.42 14.91
N LEU A 252 1.00 -3.95 14.94
CA LEU A 252 2.10 -4.86 15.25
C LEU A 252 2.05 -5.33 16.71
N ALA A 253 1.51 -4.49 17.59
CA ALA A 253 1.40 -4.84 19.01
C ALA A 253 0.43 -5.99 19.20
N ARG A 254 -0.50 -6.16 18.27
CA ARG A 254 -1.46 -7.26 18.35
C ARG A 254 -1.01 -8.45 17.48
N ALA A 255 0.08 -8.30 16.74
CA ALA A 255 0.56 -9.38 15.89
C ALA A 255 1.15 -10.52 16.69
N MET A 256 1.00 -11.74 16.18
CA MET A 256 1.65 -12.88 16.82
C MET A 256 2.46 -13.73 15.86
N ASP A 257 3.26 -14.64 16.39
CA ASP A 257 4.11 -15.48 15.57
C ASP A 257 3.31 -16.14 14.44
N ASN A 258 3.94 -16.27 13.27
CA ASN A 258 3.36 -16.90 12.09
C ASN A 258 2.46 -15.95 11.32
N ARG A 259 2.48 -14.69 11.75
CA ARG A 259 1.99 -13.58 10.95
C ARG A 259 2.47 -13.61 9.50
N VAL A 260 1.58 -13.28 8.58
CA VAL A 260 1.85 -13.38 7.14
C VAL A 260 2.33 -12.07 6.55
N ALA A 261 3.33 -12.14 5.67
CA ALA A 261 3.76 -10.95 4.94
C ALA A 261 4.19 -11.38 3.55
N TYR A 262 4.30 -10.40 2.66
CA TYR A 262 4.70 -10.70 1.30
C TYR A 262 5.83 -9.80 0.94
N VAL A 263 6.77 -10.33 0.17
CA VAL A 263 7.98 -9.59 -0.16
C VAL A 263 8.25 -9.77 -1.64
N THR A 264 8.77 -8.72 -2.26
CA THR A 264 9.21 -8.81 -3.63
C THR A 264 10.28 -7.75 -3.81
N THR A 265 10.98 -7.76 -4.94
CA THR A 265 11.96 -6.72 -5.24
C THR A 265 11.60 -6.12 -6.58
N PHE A 266 12.12 -4.93 -6.85
CA PHE A 266 12.03 -4.37 -8.19
C PHE A 266 13.05 -3.25 -8.37
N THR A 267 13.24 -2.78 -9.59
CA THR A 267 14.15 -1.67 -9.83
C THR A 267 13.39 -0.35 -9.99
N ALA A 268 13.81 0.66 -9.23
CA ALA A 268 13.28 2.01 -9.37
C ALA A 268 13.99 2.75 -10.53
N ASP A 269 14.03 4.08 -10.44
CA ASP A 269 14.49 4.90 -11.54
C ASP A 269 15.95 4.68 -11.94
N ALA A 270 16.88 4.91 -11.01
CA ALA A 270 18.30 4.92 -11.34
C ALA A 270 18.94 3.53 -11.32
N LYS A 271 18.20 2.54 -11.79
CA LYS A 271 18.69 1.16 -11.81
C LYS A 271 18.99 0.65 -10.42
N LYS A 272 18.37 1.27 -9.41
CA LYS A 272 18.57 0.90 -8.01
C LYS A 272 17.46 -0.05 -7.53
N GLU A 273 17.84 -1.26 -7.15
CA GLU A 273 16.86 -2.24 -6.68
C GLU A 273 16.24 -1.86 -5.33
N ALA A 274 14.98 -2.23 -5.17
CA ALA A 274 14.21 -1.96 -3.97
C ALA A 274 13.50 -3.20 -3.48
N LEU A 275 13.47 -3.37 -2.17
CA LEU A 275 12.78 -4.46 -1.53
C LEU A 275 11.46 -3.94 -1.00
N VAL A 276 10.39 -4.68 -1.20
CA VAL A 276 9.10 -4.27 -0.66
C VAL A 276 8.55 -5.40 0.15
N ILE A 277 8.18 -5.08 1.39
CA ILE A 277 7.51 -6.04 2.25
C ILE A 277 6.19 -5.46 2.70
N GLY A 278 5.12 -6.20 2.47
CA GLY A 278 3.80 -5.74 2.84
C GLY A 278 3.18 -6.71 3.80
N PHE A 279 2.59 -6.16 4.87
CA PHE A 279 1.89 -6.92 5.89
C PHE A 279 0.40 -6.71 5.70
N PRO A 280 -0.29 -7.66 5.07
CA PRO A 280 -1.73 -7.47 4.86
C PRO A 280 -2.47 -7.36 6.20
N ASP A 281 -3.48 -6.50 6.22
CA ASP A 281 -4.33 -6.35 7.39
C ASP A 281 -3.53 -5.98 8.64
N THR A 282 -2.55 -5.09 8.46
CA THR A 282 -1.70 -4.64 9.55
C THR A 282 -1.67 -3.11 9.52
N ASN A 283 -2.85 -2.51 9.36
CA ASN A 283 -3.02 -1.07 9.30
C ASN A 283 -2.14 -0.43 8.26
N GLY A 284 -1.84 -1.17 7.21
CA GLY A 284 -1.13 -0.60 6.09
C GLY A 284 0.39 -0.68 6.17
N LEU A 285 0.91 -1.49 7.09
CA LEU A 285 2.35 -1.60 7.24
C LEU A 285 3.00 -2.00 5.91
N LEU A 286 3.91 -1.16 5.46
CA LEU A 286 4.61 -1.35 4.20
C LEU A 286 6.02 -0.93 4.41
N ILE A 287 6.94 -1.88 4.25
CA ILE A 287 8.35 -1.60 4.38
C ILE A 287 9.01 -1.58 3.00
N THR A 288 9.68 -0.49 2.70
CA THR A 288 10.48 -0.41 1.49
C THR A 288 11.91 -0.14 1.84
N ALA A 289 12.82 -0.79 1.14
CA ALA A 289 14.22 -0.73 1.52
C ALA A 289 15.11 -0.73 0.29
N ASP A 290 16.22 0.00 0.38
CA ASP A 290 17.20 0.12 -0.69
C ASP A 290 18.29 -0.88 -0.48
N LYS A 291 18.79 -1.45 -1.56
CA LYS A 291 19.90 -2.37 -1.48
C LYS A 291 21.08 -1.65 -0.84
N ARG A 292 21.96 -2.39 -0.20
CA ARG A 292 23.06 -1.76 0.50
C ARG A 292 24.24 -2.72 0.58
#